data_8VME
#
_entry.id   8VME
#
_cell.length_a   82.257
_cell.length_b   82.257
_cell.length_c   280.990
_cell.angle_alpha   90.000
_cell.angle_beta   90.000
_cell.angle_gamma   120.000
#
_symmetry.space_group_name_H-M   'P 61 2 2'
#
loop_
_entity.id
_entity.type
_entity.pdbx_description
1 polymer 'Glycogen synthase kinase-3 beta'
2 polymer Axin-1
3 polymer 'Catenin beta-1'
4 non-polymer "ADENOSINE-5'-DIPHOSPHATE"
5 non-polymer 'MAGNESIUM ION'
6 non-polymer GLYCEROL
7 non-polymer 'SODIUM ION'
8 water water
#
loop_
_entity_poly.entity_id
_entity_poly.type
_entity_poly.pdbx_seq_one_letter_code
_entity_poly.pdbx_strand_id
1 'polypeptide(L)'
;QMKVSRDKDGSKVTTVVATPGQGPDRPQEVSYTDTKVIGNGSFGVVYQAKLCDSGELVAIKKVLQDKRFKNRELQIMRKL
DHCNIVRLRYFFYSSGEKKDEVYLNLVLDYVPETVYRVARHYSRAKQTLPVIYVKLYMYQLFRSLAYIHSFGICHRDIKP
QNLLLDPDTAVLKLCDFGSAKQLVRGEPNVSYICSRYYRAPELIFGATDYTSSIDVWSAGCVLAELLLGQPIFPGDSGVD
QLVEIIKVLGTPTREQIREMNPNYTEFKFPQIKAHPWTKVFRPRTPPEAIALCSRLLEYTPTARLTPLEACAHSFFDELR
DPNVKLPNGRDTPALFNFTTQELSSNPPLATILIPPHARHHHHHH
;
A
2 'polypeptide(L)' GGILVEPQKFAEELIHRLEAVQRT B
3 'polypeptide(L)' MIHSGATATAP(SEP)LSGKGNPEEEDVDTSQ C
#
loop_
_chem_comp.id
_chem_comp.type
_chem_comp.name
_chem_comp.formula
ADP non-polymer ADENOSINE-5'-DIPHOSPHATE 'C10 H15 N5 O10 P2'
GOL non-polymer GLYCEROL 'C3 H8 O3'
MG non-polymer 'MAGNESIUM ION' 'Mg 2'
NA non-polymer 'SODIUM ION' 'Na 1'
#
# COMPACT_ATOMS: atom_id res chain seq x y z
N GLN A 1 21.82 21.26 12.21
CA GLN A 1 22.46 20.98 13.50
C GLN A 1 23.55 19.91 13.38
N MET A 2 23.26 18.70 13.91
CA MET A 2 24.12 17.51 13.81
C MET A 2 25.47 17.65 14.54
N LYS A 3 26.18 16.54 14.75
CA LYS A 3 27.50 16.51 15.37
C LYS A 3 28.02 15.08 15.36
N VAL A 4 29.36 14.95 15.39
CA VAL A 4 30.00 13.63 15.45
C VAL A 4 30.76 13.49 16.76
N SER A 5 30.86 12.24 17.24
CA SER A 5 31.62 11.90 18.44
C SER A 5 31.96 10.40 18.37
N ARG A 6 32.59 9.89 19.44
CA ARG A 6 33.00 8.48 19.49
C ARG A 6 32.33 7.77 20.67
N ASP A 7 32.06 6.47 20.49
CA ASP A 7 31.46 5.65 21.53
C ASP A 7 32.51 4.79 22.26
N SER A 11 32.98 3.49 17.25
CA SER A 11 31.88 3.72 16.32
C SER A 11 31.45 5.20 16.28
N LYS A 12 31.21 5.72 15.07
CA LYS A 12 30.82 7.12 14.90
C LYS A 12 29.43 7.37 15.47
N VAL A 13 29.30 8.36 16.36
CA VAL A 13 28.02 8.69 16.96
C VAL A 13 27.51 9.99 16.36
N THR A 14 26.29 9.95 15.80
CA THR A 14 25.58 11.14 15.33
C THR A 14 24.54 11.60 16.35
N THR A 15 24.52 12.91 16.65
CA THR A 15 23.60 13.53 17.60
C THR A 15 22.86 14.65 16.88
N VAL A 16 21.52 14.61 16.91
CA VAL A 16 20.68 15.66 16.37
C VAL A 16 19.63 16.01 17.41
N VAL A 17 19.04 17.20 17.28
CA VAL A 17 17.84 17.55 18.04
C VAL A 17 16.64 17.21 17.15
N ALA A 18 15.91 16.15 17.51
CA ALA A 18 14.81 15.59 16.73
C ALA A 18 13.47 15.74 17.44
N THR A 19 12.43 15.97 16.68
CA THR A 19 11.07 16.11 17.21
C THR A 19 10.40 14.75 17.28
N PRO A 20 9.83 14.33 18.41
CA PRO A 20 9.15 13.03 18.45
C PRO A 20 7.93 13.04 17.54
N GLY A 21 7.59 11.85 17.04
CA GLY A 21 6.51 11.74 16.07
C GLY A 21 5.13 12.02 16.64
N GLN A 22 4.90 11.65 17.90
CA GLN A 22 3.62 11.82 18.60
C GLN A 22 3.66 13.07 19.49
N GLY A 23 2.54 13.35 20.15
CA GLY A 23 2.43 14.42 21.12
C GLY A 23 2.72 15.81 20.55
N PRO A 24 2.71 16.83 21.42
CA PRO A 24 3.13 18.16 20.98
C PRO A 24 4.63 18.21 20.66
N ASP A 25 5.01 19.26 19.92
CA ASP A 25 6.38 19.45 19.42
C ASP A 25 7.32 19.79 20.56
N ARG A 26 8.12 18.81 20.98
CA ARG A 26 9.11 19.04 22.04
C ARG A 26 10.35 18.23 21.64
N PRO A 27 11.26 18.84 20.90
CA PRO A 27 12.42 18.10 20.38
C PRO A 27 13.35 17.69 21.52
N GLN A 28 14.01 16.55 21.34
CA GLN A 28 14.99 16.09 22.29
C GLN A 28 16.25 15.70 21.53
N GLU A 29 17.39 15.71 22.22
CA GLU A 29 18.62 15.15 21.65
C GLU A 29 18.40 13.68 21.39
N VAL A 30 18.83 13.21 20.23
CA VAL A 30 18.76 11.80 19.84
C VAL A 30 20.12 11.41 19.28
N SER A 31 20.67 10.30 19.75
CA SER A 31 21.97 9.80 19.32
C SER A 31 21.83 8.45 18.64
N TYR A 32 22.56 8.27 17.55
CA TYR A 32 22.56 6.96 16.90
C TYR A 32 23.92 6.72 16.29
N THR A 33 24.16 5.46 15.96
CA THR A 33 25.43 5.00 15.42
C THR A 33 25.15 3.90 14.38
N ASP A 34 26.22 3.38 13.77
CA ASP A 34 26.18 2.16 12.96
C ASP A 34 25.34 2.37 11.69
N THR A 35 25.54 3.51 11.06
CA THR A 35 24.77 3.94 9.92
C THR A 35 25.19 3.17 8.65
N LYS A 36 24.19 2.67 7.92
CA LYS A 36 24.43 2.02 6.63
C LYS A 36 23.17 2.11 5.77
N VAL A 37 23.36 2.24 4.46
CA VAL A 37 22.27 2.40 3.51
C VAL A 37 21.61 1.05 3.29
N ILE A 38 20.29 0.97 3.46
N ILE A 38 20.32 0.97 3.53
CA ILE A 38 19.61 -0.33 3.40
CA ILE A 38 19.57 -0.21 3.18
C ILE A 38 18.62 -0.46 2.23
C ILE A 38 18.58 0.08 2.05
N GLY A 39 17.65 0.45 2.14
N GLY A 39 18.85 1.14 1.27
CA GLY A 39 16.62 0.40 1.13
CA GLY A 39 17.95 1.61 0.22
C GLY A 39 16.61 1.64 0.24
C GLY A 39 18.39 2.92 -0.41
N ASN A 40 15.88 1.54 -0.87
N ASN A 40 18.13 3.11 -1.70
CA ASN A 40 15.76 2.63 -1.84
CA ASN A 40 18.64 4.28 -2.38
C ASN A 40 14.40 2.53 -2.50
C ASN A 40 17.76 4.60 -3.59
N GLY A 41 13.75 3.68 -2.70
N GLY A 41 17.11 5.77 -3.57
CA GLY A 41 12.51 3.72 -3.46
CA GLY A 41 16.19 6.14 -4.62
C GLY A 41 12.65 4.73 -4.57
C GLY A 41 16.42 7.56 -5.11
N SER A 42 11.56 5.13 -5.23
N SER A 42 15.65 7.93 -6.14
CA SER A 42 11.68 6.15 -6.26
CA SER A 42 15.62 9.30 -6.63
C SER A 42 11.95 7.54 -5.68
C SER A 42 14.93 10.26 -5.67
N PHE A 43 11.68 7.74 -4.39
N PHE A 43 14.29 9.75 -4.60
CA PHE A 43 11.83 9.03 -3.74
CA PHE A 43 13.71 10.58 -3.56
C PHE A 43 12.67 8.97 -2.46
C PHE A 43 14.75 11.03 -2.55
N GLY A 44 12.64 7.84 -1.77
N GLY A 44 15.70 10.14 -2.24
CA GLY A 44 13.29 7.71 -0.49
CA GLY A 44 16.70 10.32 -1.22
C GLY A 44 14.67 7.10 -0.58
C GLY A 44 17.35 8.99 -0.94
N VAL A 45 15.51 7.44 0.40
N VAL A 45 17.61 8.68 0.35
CA VAL A 45 16.85 6.86 0.58
CA VAL A 45 18.23 7.45 0.80
C VAL A 45 16.94 6.47 2.05
C VAL A 45 17.50 6.98 2.05
N VAL A 46 16.74 5.20 2.37
N VAL A 46 17.38 5.66 2.23
CA VAL A 46 16.57 4.73 3.75
CA VAL A 46 16.90 5.07 3.49
C VAL A 46 17.91 4.23 4.30
C VAL A 46 18.09 4.41 4.18
N TYR A 47 18.35 4.81 5.43
CA TYR A 47 19.48 4.30 6.21
C TYR A 47 18.99 3.43 7.34
N GLN A 48 19.77 2.41 7.68
CA GLN A 48 19.61 1.80 9.00
C GLN A 48 20.56 2.45 10.00
N ALA A 49 20.13 2.52 11.27
CA ALA A 49 20.96 3.03 12.35
C ALA A 49 20.53 2.39 13.66
N LYS A 50 21.40 2.53 14.67
CA LYS A 50 21.18 1.96 15.99
C LYS A 50 21.12 3.11 16.99
N LEU A 51 19.98 3.25 17.68
CA LEU A 51 19.84 4.29 18.70
C LEU A 51 20.77 4.02 19.88
N CYS A 52 21.51 5.05 20.29
CA CYS A 52 22.51 4.89 21.34
C CYS A 52 21.88 4.59 22.70
N ASP A 53 20.75 5.23 23.02
CA ASP A 53 20.14 5.03 24.32
C ASP A 53 19.64 3.60 24.48
N SER A 54 18.73 3.18 23.61
CA SER A 54 18.05 1.90 23.78
C SER A 54 18.72 0.74 23.05
N GLY A 55 19.63 1.00 22.10
CA GLY A 55 20.19 -0.04 21.25
C GLY A 55 19.27 -0.50 20.12
N GLU A 56 18.08 0.07 20.00
CA GLU A 56 17.10 -0.39 19.03
C GLU A 56 17.46 0.04 17.62
N LEU A 57 17.09 -0.80 16.66
CA LEU A 57 17.30 -0.50 15.26
C LEU A 57 16.15 0.36 14.75
N VAL A 58 16.53 1.36 13.95
CA VAL A 58 15.59 2.26 13.31
C VAL A 58 16.03 2.43 11.87
N ALA A 59 15.09 2.87 11.05
CA ALA A 59 15.35 3.22 9.65
C ALA A 59 15.18 4.72 9.54
N ILE A 60 16.00 5.35 8.72
CA ILE A 60 15.97 6.79 8.58
C ILE A 60 15.78 7.06 7.11
N LYS A 61 14.55 7.41 6.73
CA LYS A 61 14.22 7.81 5.37
C LYS A 61 14.57 9.28 5.18
N LYS A 62 15.54 9.58 4.31
CA LYS A 62 15.95 10.95 4.07
C LYS A 62 15.45 11.33 2.69
N VAL A 63 14.53 12.30 2.63
CA VAL A 63 13.85 12.70 1.40
C VAL A 63 14.09 14.17 1.17
N LEU A 64 14.41 14.53 -0.07
CA LEU A 64 14.51 15.94 -0.42
C LEU A 64 13.13 16.59 -0.31
N GLN A 65 13.11 17.81 0.24
CA GLN A 65 11.87 18.57 0.42
C GLN A 65 11.68 19.49 -0.78
N ASP A 66 11.20 18.89 -1.87
CA ASP A 66 10.97 19.60 -3.12
C ASP A 66 9.77 20.53 -2.97
N LYS A 67 10.02 21.84 -3.00
CA LYS A 67 8.97 22.84 -2.82
C LYS A 67 8.07 23.00 -4.05
N ARG A 68 8.39 22.33 -5.17
CA ARG A 68 7.52 22.33 -6.35
C ARG A 68 6.30 21.42 -6.17
N PHE A 69 6.42 20.38 -5.36
CA PHE A 69 5.36 19.40 -5.12
C PHE A 69 4.75 19.58 -3.74
N LYS A 70 3.61 18.94 -3.55
CA LYS A 70 2.97 18.93 -2.24
C LYS A 70 3.56 17.81 -1.41
N ASN A 71 4.25 18.19 -0.31
CA ASN A 71 4.95 17.24 0.56
CA ASN A 71 4.95 17.24 0.55
C ASN A 71 4.10 16.99 1.80
N ARG A 72 3.14 16.08 1.65
CA ARG A 72 2.22 15.75 2.73
C ARG A 72 2.74 14.69 3.68
N GLU A 73 3.89 14.08 3.39
CA GLU A 73 4.27 12.83 4.05
C GLU A 73 4.44 12.99 5.55
N LEU A 74 5.20 14.00 5.98
CA LEU A 74 5.36 14.23 7.41
C LEU A 74 4.02 14.54 8.07
N GLN A 75 3.19 15.39 7.45
CA GLN A 75 1.98 15.80 8.14
C GLN A 75 0.99 14.66 8.27
N ILE A 76 1.02 13.70 7.35
CA ILE A 76 0.11 12.55 7.42
C ILE A 76 0.63 11.52 8.41
N MET A 77 1.93 11.24 8.38
CA MET A 77 2.49 10.25 9.28
C MET A 77 2.33 10.64 10.74
N ARG A 78 2.43 11.94 11.05
CA ARG A 78 2.40 12.37 12.44
C ARG A 78 1.09 12.04 13.13
N LYS A 79 -0.02 11.98 12.39
CA LYS A 79 -1.31 11.71 13.01
C LYS A 79 -1.63 10.22 13.08
N LEU A 80 -0.73 9.36 12.59
CA LEU A 80 -1.01 7.94 12.49
C LEU A 80 -0.39 7.18 13.66
N ASP A 81 -1.22 6.38 14.33
CA ASP A 81 -0.71 5.45 15.35
C ASP A 81 -1.56 4.20 15.29
N HIS A 82 -1.00 3.14 14.73
CA HIS A 82 -1.73 1.91 14.51
C HIS A 82 -0.69 0.82 14.41
N CYS A 83 -1.08 -0.40 14.76
CA CYS A 83 -0.12 -1.50 14.88
C CYS A 83 0.31 -2.07 13.54
N ASN A 84 -0.43 -1.79 12.47
CA ASN A 84 -0.08 -2.21 11.12
C ASN A 84 0.38 -1.05 10.24
N ILE A 85 0.78 0.06 10.85
CA ILE A 85 1.43 1.17 10.16
C ILE A 85 2.78 1.41 10.82
N VAL A 86 3.84 1.54 10.02
CA VAL A 86 5.17 1.68 10.60
C VAL A 86 5.24 2.97 11.42
N ARG A 87 5.74 2.86 12.65
CA ARG A 87 5.73 3.98 13.58
C ARG A 87 6.80 5.01 13.24
N LEU A 88 6.42 6.28 13.33
CA LEU A 88 7.32 7.41 13.19
C LEU A 88 7.79 7.79 14.58
N ARG A 89 9.05 7.50 14.91
CA ARG A 89 9.55 7.78 16.24
C ARG A 89 9.95 9.23 16.37
N TYR A 90 10.69 9.74 15.38
CA TYR A 90 11.20 11.11 15.39
C TYR A 90 11.36 11.56 13.95
N PHE A 91 11.45 12.88 13.77
CA PHE A 91 11.86 13.48 12.51
C PHE A 91 12.75 14.68 12.80
N PHE A 92 13.59 15.02 11.84
CA PHE A 92 14.41 16.22 11.92
C PHE A 92 14.82 16.65 10.52
N TYR A 93 15.38 17.85 10.44
CA TYR A 93 15.87 18.45 9.21
C TYR A 93 17.40 18.53 9.25
N SER A 94 18.01 18.33 8.09
CA SER A 94 19.46 18.38 7.97
C SER A 94 19.83 18.99 6.63
N SER A 95 21.07 19.46 6.54
CA SER A 95 21.53 20.20 5.38
C SER A 95 21.67 19.30 4.14
N GLY A 96 22.02 18.03 4.34
CA GLY A 96 22.11 17.09 3.23
C GLY A 96 23.27 17.38 2.27
N GLU A 97 23.13 16.84 1.05
CA GLU A 97 24.24 16.81 0.11
C GLU A 97 24.10 17.78 -1.07
N LYS A 98 22.88 18.20 -1.43
CA LYS A 98 22.67 19.02 -2.62
C LYS A 98 22.98 20.50 -2.36
N LYS A 99 24.23 20.75 -1.94
CA LYS A 99 24.73 22.09 -1.63
C LYS A 99 23.87 22.77 -0.57
N ASP A 100 23.04 23.71 -0.98
CA ASP A 100 22.01 24.31 -0.13
C ASP A 100 20.67 23.70 -0.55
N GLU A 101 20.12 22.84 0.30
CA GLU A 101 18.84 22.21 0.03
C GLU A 101 18.30 21.67 1.35
N VAL A 102 16.99 21.38 1.36
CA VAL A 102 16.28 21.03 2.59
C VAL A 102 15.93 19.54 2.56
N TYR A 103 16.47 18.79 3.51
CA TYR A 103 16.25 17.35 3.61
C TYR A 103 15.50 17.04 4.91
N LEU A 104 14.35 16.38 4.77
CA LEU A 104 13.60 15.85 5.89
C LEU A 104 14.09 14.44 6.22
N ASN A 105 14.26 14.16 7.51
CA ASN A 105 14.67 12.85 7.96
C ASN A 105 13.57 12.24 8.82
N LEU A 106 13.09 11.07 8.44
CA LEU A 106 12.06 10.37 9.19
C LEU A 106 12.71 9.17 9.86
N VAL A 107 12.60 9.10 11.18
CA VAL A 107 13.15 8.01 11.97
C VAL A 107 12.00 7.07 12.25
N LEU A 108 12.03 5.90 11.63
CA LEU A 108 10.97 4.90 11.70
C LEU A 108 11.48 3.67 12.42
N ASP A 109 10.55 2.92 13.03
CA ASP A 109 10.82 1.54 13.42
C ASP A 109 11.44 0.78 12.24
N TYR A 110 12.45 -0.03 12.52
CA TYR A 110 13.11 -0.81 11.47
C TYR A 110 12.36 -2.12 11.32
N VAL A 111 12.02 -2.48 10.08
CA VAL A 111 11.35 -3.76 9.79
C VAL A 111 12.13 -4.51 8.72
N PRO A 112 12.50 -5.78 8.90
CA PRO A 112 13.55 -6.39 8.03
C PRO A 112 13.09 -6.79 6.61
N GLU A 113 11.83 -7.13 6.36
CA GLU A 113 11.42 -7.70 5.07
C GLU A 113 10.21 -6.97 4.51
N THR A 114 9.89 -7.24 3.24
CA THR A 114 8.66 -6.75 2.63
C THR A 114 7.85 -7.92 2.12
N VAL A 115 6.57 -7.71 1.89
CA VAL A 115 5.76 -8.75 1.24
C VAL A 115 6.36 -9.14 -0.10
N TYR A 116 6.90 -8.14 -0.84
CA TYR A 116 7.50 -8.39 -2.15
C TYR A 116 8.66 -9.37 -2.06
N ARG A 117 9.62 -9.10 -1.18
CA ARG A 117 10.80 -9.99 -1.07
C ARG A 117 10.39 -11.38 -0.61
N VAL A 118 9.41 -11.47 0.29
CA VAL A 118 8.94 -12.80 0.70
C VAL A 118 8.29 -13.54 -0.47
N ALA A 119 7.42 -12.86 -1.22
CA ALA A 119 6.78 -13.49 -2.37
C ALA A 119 7.79 -13.86 -3.44
N ARG A 120 8.83 -13.02 -3.64
CA ARG A 120 9.89 -13.41 -4.58
C ARG A 120 10.65 -14.68 -4.17
N HIS A 121 10.76 -15.00 -2.86
CA HIS A 121 11.41 -16.27 -2.50
C HIS A 121 10.60 -17.46 -3.00
N TYR A 122 9.29 -17.42 -2.81
CA TYR A 122 8.44 -18.50 -3.26
C TYR A 122 8.44 -18.64 -4.79
N SER A 123 8.44 -17.53 -5.54
CA SER A 123 8.53 -17.63 -7.01
C SER A 123 9.85 -18.23 -7.49
N ARG A 124 10.99 -17.85 -6.87
CA ARG A 124 12.25 -18.47 -7.27
C ARG A 124 12.26 -19.95 -6.96
N ALA A 125 11.54 -20.36 -5.92
CA ALA A 125 11.52 -21.75 -5.50
C ALA A 125 10.34 -22.52 -6.11
N LYS A 126 9.52 -21.86 -6.93
CA LYS A 126 8.35 -22.47 -7.56
C LYS A 126 7.44 -23.13 -6.51
N GLN A 127 7.27 -22.46 -5.40
CA GLN A 127 6.31 -22.83 -4.37
C GLN A 127 5.24 -21.76 -4.35
N THR A 128 4.17 -22.05 -3.64
CA THR A 128 3.13 -21.05 -3.43
C THR A 128 3.25 -20.58 -1.99
N LEU A 129 3.05 -19.28 -1.76
CA LEU A 129 3.03 -18.80 -0.39
C LEU A 129 1.89 -19.49 0.35
N PRO A 130 2.15 -20.12 1.50
CA PRO A 130 1.09 -20.86 2.18
C PRO A 130 -0.04 -19.94 2.55
N VAL A 131 -1.25 -20.50 2.48
CA VAL A 131 -2.46 -19.68 2.49
C VAL A 131 -2.62 -18.96 3.82
N ILE A 132 -2.07 -19.54 4.90
CA ILE A 132 -2.17 -18.91 6.22
C ILE A 132 -1.48 -17.56 6.20
N TYR A 133 -0.39 -17.45 5.45
CA TYR A 133 0.29 -16.16 5.35
C TYR A 133 -0.45 -15.20 4.43
N VAL A 134 -1.07 -15.69 3.34
CA VAL A 134 -1.90 -14.84 2.49
C VAL A 134 -3.01 -14.22 3.34
N LYS A 135 -3.66 -15.04 4.16
CA LYS A 135 -4.69 -14.56 5.08
C LYS A 135 -4.14 -13.53 6.07
N LEU A 136 -3.03 -13.86 6.78
CA LEU A 136 -2.49 -12.95 7.79
C LEU A 136 -2.01 -11.66 7.17
N TYR A 137 -1.32 -11.74 6.03
CA TYR A 137 -0.79 -10.53 5.42
C TYR A 137 -1.92 -9.70 4.82
N MET A 138 -2.88 -10.33 4.14
CA MET A 138 -3.98 -9.55 3.55
C MET A 138 -4.86 -8.94 4.63
N TYR A 139 -5.10 -9.68 5.71
CA TYR A 139 -5.97 -9.17 6.77
C TYR A 139 -5.38 -7.92 7.41
N GLN A 140 -4.07 -7.94 7.66
CA GLN A 140 -3.42 -6.82 8.32
C GLN A 140 -3.36 -5.60 7.41
N LEU A 141 -3.13 -5.83 6.12
CA LEU A 141 -3.25 -4.77 5.12
C LEU A 141 -4.62 -4.09 5.15
N PHE A 142 -5.71 -4.87 5.14
CA PHE A 142 -7.05 -4.26 5.14
C PHE A 142 -7.29 -3.49 6.41
N ARG A 143 -6.74 -3.98 7.52
CA ARG A 143 -6.91 -3.31 8.79
C ARG A 143 -6.17 -1.98 8.81
N SER A 144 -5.01 -1.90 8.17
CA SER A 144 -4.33 -0.60 8.09
C SER A 144 -5.09 0.37 7.19
N LEU A 145 -5.69 -0.15 6.10
CA LEU A 145 -6.52 0.66 5.21
C LEU A 145 -7.77 1.18 5.90
N ALA A 146 -8.44 0.33 6.69
CA ALA A 146 -9.60 0.80 7.45
C ALA A 146 -9.22 1.95 8.38
N TYR A 147 -8.01 1.88 8.95
CA TYR A 147 -7.56 2.95 9.84
C TYR A 147 -7.29 4.26 9.08
N ILE A 148 -6.48 4.23 8.02
CA ILE A 148 -6.18 5.47 7.28
C ILE A 148 -7.43 6.01 6.57
N HIS A 149 -8.29 5.13 6.05
CA HIS A 149 -9.51 5.64 5.40
C HIS A 149 -10.48 6.27 6.39
N SER A 150 -10.52 5.82 7.64
CA SER A 150 -11.40 6.45 8.63
C SER A 150 -11.01 7.90 8.93
N PHE A 151 -9.78 8.28 8.62
CA PHE A 151 -9.35 9.66 8.68
C PHE A 151 -9.51 10.39 7.36
N GLY A 152 -10.06 9.72 6.34
CA GLY A 152 -10.19 10.33 5.02
C GLY A 152 -8.93 10.29 4.19
N ILE A 153 -7.94 9.51 4.60
CA ILE A 153 -6.61 9.52 4.01
C ILE A 153 -6.51 8.34 3.05
N CYS A 154 -6.06 8.61 1.84
CA CYS A 154 -5.84 7.58 0.83
C CYS A 154 -4.33 7.42 0.61
N HIS A 155 -3.83 6.18 0.70
CA HIS A 155 -2.38 5.92 0.58
C HIS A 155 -1.88 6.18 -0.84
N ARG A 156 -2.58 5.66 -1.86
CA ARG A 156 -2.34 5.90 -3.29
C ARG A 156 -1.06 5.26 -3.81
N ASP A 157 -0.38 4.43 -3.01
CA ASP A 157 0.77 3.66 -3.52
C ASP A 157 0.81 2.27 -2.92
N ILE A 158 -0.34 1.61 -2.79
CA ILE A 158 -0.37 0.29 -2.21
C ILE A 158 0.21 -0.72 -3.19
N LYS A 159 1.21 -1.47 -2.74
CA LYS A 159 1.95 -2.42 -3.55
C LYS A 159 2.86 -3.24 -2.62
N PRO A 160 3.29 -4.43 -3.06
CA PRO A 160 4.01 -5.34 -2.14
C PRO A 160 5.33 -4.78 -1.58
N GLN A 161 5.97 -3.84 -2.27
CA GLN A 161 7.20 -3.26 -1.75
C GLN A 161 6.91 -2.29 -0.61
N ASN A 162 5.67 -1.84 -0.48
CA ASN A 162 5.31 -0.89 0.54
C ASN A 162 4.73 -1.58 1.78
N LEU A 163 4.82 -2.90 1.87
CA LEU A 163 4.29 -3.66 2.99
C LEU A 163 5.45 -4.33 3.71
N LEU A 164 5.89 -3.74 4.82
CA LEU A 164 6.97 -4.29 5.65
C LEU A 164 6.46 -5.47 6.47
N LEU A 165 7.31 -6.50 6.57
CA LEU A 165 7.06 -7.71 7.34
C LEU A 165 8.20 -7.93 8.32
N ASP A 166 7.83 -8.31 9.53
CA ASP A 166 8.68 -9.00 10.46
C ASP A 166 8.33 -10.47 10.33
N PRO A 167 9.06 -11.27 9.54
CA PRO A 167 8.53 -12.61 9.20
C PRO A 167 8.58 -13.59 10.37
N ASP A 168 9.28 -13.24 11.46
CA ASP A 168 9.25 -14.06 12.68
C ASP A 168 7.92 -13.96 13.42
N THR A 169 7.31 -12.77 13.43
CA THR A 169 6.04 -12.54 14.11
C THR A 169 4.86 -12.47 13.14
N ALA A 170 5.13 -12.41 11.84
CA ALA A 170 4.10 -12.28 10.81
C ALA A 170 3.32 -10.99 10.98
N VAL A 171 3.97 -9.95 11.51
CA VAL A 171 3.35 -8.65 11.64
C VAL A 171 3.64 -7.86 10.38
N LEU A 172 2.60 -7.28 9.79
CA LEU A 172 2.70 -6.47 8.59
C LEU A 172 2.54 -5.01 8.97
N LYS A 173 3.36 -4.15 8.39
CA LYS A 173 3.26 -2.72 8.60
C LYS A 173 3.28 -1.97 7.27
N LEU A 174 2.23 -1.22 7.01
CA LEU A 174 2.19 -0.32 5.87
C LEU A 174 3.20 0.82 6.01
N CYS A 175 3.95 1.10 4.95
CA CYS A 175 4.87 2.25 4.96
C CYS A 175 4.72 3.15 3.73
N ASP A 176 5.62 4.12 3.56
CA ASP A 176 5.71 4.91 2.32
C ASP A 176 4.44 5.74 2.10
N PHE A 177 4.31 6.76 2.91
CA PHE A 177 3.23 7.72 2.77
C PHE A 177 3.60 8.91 1.91
N GLY A 178 4.59 8.77 1.04
CA GLY A 178 4.88 9.98 0.30
C GLY A 178 3.95 10.29 -0.86
N SER A 179 2.96 9.45 -1.14
CA SER A 179 1.95 9.75 -2.14
C SER A 179 0.58 9.95 -1.52
N ALA A 180 0.46 9.79 -0.20
CA ALA A 180 -0.83 9.76 0.43
C ALA A 180 -1.46 11.14 0.42
N LYS A 181 -2.78 11.17 0.45
CA LYS A 181 -3.49 12.43 0.46
C LYS A 181 -4.82 12.26 1.16
N GLN A 182 -5.26 13.34 1.78
CA GLN A 182 -6.57 13.47 2.40
C GLN A 182 -7.57 13.87 1.31
N LEU A 183 -8.23 12.88 0.73
CA LEU A 183 -9.10 13.13 -0.41
C LEU A 183 -10.37 13.87 -0.01
N VAL A 184 -10.61 15.00 -0.67
CA VAL A 184 -11.77 15.85 -0.40
C VAL A 184 -12.67 15.81 -1.62
N ARG A 185 -13.90 15.37 -1.44
CA ARG A 185 -14.83 15.29 -2.56
C ARG A 185 -15.14 16.68 -3.09
N GLY A 186 -15.03 16.85 -4.40
CA GLY A 186 -15.16 18.14 -5.03
C GLY A 186 -13.85 18.80 -5.40
N GLU A 187 -12.73 18.34 -4.84
CA GLU A 187 -11.44 18.82 -5.25
C GLU A 187 -10.74 17.75 -6.07
N PRO A 188 -10.16 18.12 -7.21
CA PRO A 188 -9.54 17.12 -8.08
C PRO A 188 -8.13 16.76 -7.65
N ASN A 189 -7.72 15.57 -8.08
CA ASN A 189 -6.51 14.90 -7.66
C ASN A 189 -5.68 14.55 -8.88
N VAL A 190 -4.35 14.54 -8.72
CA VAL A 190 -3.50 14.17 -9.85
C VAL A 190 -3.77 12.73 -10.21
N SER A 191 -3.87 12.48 -11.50
CA SER A 191 -4.41 11.19 -11.94
C SER A 191 -3.36 10.10 -12.09
N TYR A 192 -2.12 10.43 -12.43
CA TYR A 192 -1.19 9.36 -12.71
C TYR A 192 -0.37 9.09 -11.46
N ILE A 193 -1.11 8.45 -10.54
CA ILE A 193 -0.66 8.09 -9.22
C ILE A 193 -0.82 6.57 -9.15
N CYS A 194 -0.24 5.97 -8.11
CA CYS A 194 0.02 4.53 -8.00
C CYS A 194 1.08 4.03 -8.97
N SER A 195 1.63 2.86 -8.67
CA SER A 195 2.62 2.23 -9.50
C SER A 195 1.92 1.32 -10.50
N ARG A 196 2.59 1.12 -11.64
CA ARG A 196 2.13 0.13 -12.61
C ARG A 196 1.91 -1.22 -11.91
N TYR A 197 0.97 -1.99 -12.47
CA TYR A 197 0.46 -3.28 -12.05
C TYR A 197 -0.60 -3.12 -10.95
N TYR A 198 -0.61 -1.99 -10.23
CA TYR A 198 -1.51 -1.81 -9.09
C TYR A 198 -2.48 -0.64 -9.27
N ARG A 199 -2.49 0.05 -10.43
CA ARG A 199 -3.37 1.20 -10.66
CA ARG A 199 -3.38 1.20 -10.60
C ARG A 199 -4.80 0.76 -10.93
N ALA A 200 -5.75 1.31 -10.19
CA ALA A 200 -7.17 1.07 -10.48
C ALA A 200 -7.53 1.55 -11.88
N PRO A 201 -8.51 0.89 -12.53
CA PRO A 201 -8.89 1.29 -13.89
C PRO A 201 -9.37 2.74 -13.99
N GLU A 202 -10.02 3.30 -12.95
CA GLU A 202 -10.41 4.72 -13.06
C GLU A 202 -9.20 5.64 -13.17
N LEU A 203 -8.07 5.27 -12.56
CA LEU A 203 -6.83 6.03 -12.68
C LEU A 203 -6.20 5.88 -14.07
N ILE A 204 -6.22 4.66 -14.62
CA ILE A 204 -5.66 4.43 -15.96
C ILE A 204 -6.40 5.25 -17.02
N PHE A 205 -7.73 5.38 -16.87
CA PHE A 205 -8.56 6.29 -17.65
C PHE A 205 -8.41 7.75 -17.26
N GLY A 206 -7.47 8.13 -16.41
CA GLY A 206 -7.22 9.54 -16.18
C GLY A 206 -8.21 10.28 -15.29
N ALA A 207 -9.01 9.59 -14.49
CA ALA A 207 -9.92 10.25 -13.57
C ALA A 207 -9.16 11.09 -12.56
N THR A 208 -9.66 12.30 -12.31
CA THR A 208 -9.17 13.18 -11.28
C THR A 208 -10.09 13.22 -10.06
N ASP A 209 -11.21 12.49 -10.10
CA ASP A 209 -12.22 12.56 -9.06
C ASP A 209 -12.39 11.17 -8.46
N TYR A 210 -11.31 10.57 -8.07
CA TYR A 210 -11.37 9.22 -7.56
C TYR A 210 -11.47 9.24 -6.02
N THR A 211 -11.63 8.06 -5.45
CA THR A 211 -11.80 7.99 -4.00
C THR A 211 -10.80 7.03 -3.36
N SER A 212 -10.96 6.82 -2.05
CA SER A 212 -10.13 5.88 -1.31
C SER A 212 -10.20 4.46 -1.84
N SER A 213 -11.24 4.11 -2.60
CA SER A 213 -11.31 2.74 -3.08
C SER A 213 -10.28 2.40 -4.14
N ILE A 214 -9.47 3.35 -4.63
CA ILE A 214 -8.30 2.93 -5.43
C ILE A 214 -7.36 2.05 -4.61
N ASP A 215 -7.24 2.31 -3.29
CA ASP A 215 -6.40 1.47 -2.44
C ASP A 215 -6.95 0.05 -2.37
N VAL A 216 -8.27 -0.11 -2.43
CA VAL A 216 -8.86 -1.44 -2.35
C VAL A 216 -8.58 -2.22 -3.64
N TRP A 217 -8.61 -1.55 -4.79
CA TRP A 217 -8.19 -2.20 -6.03
C TRP A 217 -6.74 -2.66 -5.93
N SER A 218 -5.86 -1.77 -5.44
CA SER A 218 -4.45 -2.14 -5.25
C SER A 218 -4.30 -3.33 -4.32
N ALA A 219 -5.09 -3.38 -3.23
CA ALA A 219 -5.01 -4.53 -2.32
C ALA A 219 -5.46 -5.80 -3.03
N GLY A 220 -6.51 -5.71 -3.84
CA GLY A 220 -6.92 -6.85 -4.66
C GLY A 220 -5.86 -7.35 -5.61
N CYS A 221 -5.02 -6.45 -6.15
CA CYS A 221 -3.89 -6.88 -6.98
C CYS A 221 -2.82 -7.58 -6.17
N VAL A 222 -2.59 -7.14 -4.93
CA VAL A 222 -1.60 -7.80 -4.07
C VAL A 222 -2.03 -9.21 -3.78
N LEU A 223 -3.28 -9.35 -3.32
CA LEU A 223 -3.88 -10.65 -3.05
C LEU A 223 -3.74 -11.60 -4.24
N ALA A 224 -4.12 -11.11 -5.43
CA ALA A 224 -4.09 -11.95 -6.63
C ALA A 224 -2.66 -12.34 -6.98
N GLU A 225 -1.74 -11.40 -6.85
CA GLU A 225 -0.32 -11.69 -7.03
C GLU A 225 0.16 -12.77 -6.07
N LEU A 226 -0.19 -12.64 -4.77
CA LEU A 226 0.18 -13.65 -3.78
C LEU A 226 -0.34 -15.02 -4.18
N LEU A 227 -1.55 -15.08 -4.75
CA LEU A 227 -2.16 -16.34 -5.15
C LEU A 227 -1.58 -16.87 -6.44
N LEU A 228 -1.20 -16.00 -7.37
CA LEU A 228 -0.67 -16.46 -8.65
C LEU A 228 0.83 -16.68 -8.66
N GLY A 229 1.60 -15.89 -7.90
CA GLY A 229 3.04 -15.95 -7.96
C GLY A 229 3.66 -14.97 -8.93
N GLN A 230 2.85 -14.09 -9.53
CA GLN A 230 3.30 -13.03 -10.41
C GLN A 230 2.17 -11.99 -10.49
N PRO A 231 2.48 -10.76 -10.92
CA PRO A 231 1.43 -9.73 -10.99
C PRO A 231 0.33 -10.15 -11.95
N ILE A 232 -0.90 -9.80 -11.61
CA ILE A 232 -2.01 -10.23 -12.45
C ILE A 232 -2.25 -9.29 -13.63
N PHE A 233 -1.88 -8.01 -13.54
CA PHE A 233 -2.08 -7.06 -14.64
C PHE A 233 -0.77 -6.37 -15.04
N PRO A 234 0.16 -7.10 -15.59
CA PRO A 234 1.42 -6.46 -15.97
C PRO A 234 1.25 -5.61 -17.23
N GLY A 235 2.28 -4.91 -17.68
CA GLY A 235 2.09 -4.00 -18.78
C GLY A 235 2.87 -2.73 -18.60
N ASP A 236 3.56 -2.32 -19.67
CA ASP A 236 4.40 -1.12 -19.61
C ASP A 236 3.58 0.16 -19.62
N SER A 237 2.45 0.19 -20.28
CA SER A 237 1.63 1.39 -20.42
C SER A 237 0.24 1.14 -19.87
N GLY A 238 -0.54 2.23 -19.87
CA GLY A 238 -1.92 2.18 -19.46
C GLY A 238 -2.79 1.31 -20.35
N VAL A 239 -2.59 1.39 -21.67
CA VAL A 239 -3.38 0.54 -22.56
C VAL A 239 -3.06 -0.92 -22.30
N ASP A 240 -1.76 -1.26 -22.15
CA ASP A 240 -1.31 -2.64 -21.87
C ASP A 240 -2.00 -3.20 -20.64
N GLN A 241 -2.04 -2.41 -19.57
CA GLN A 241 -2.62 -2.88 -18.30
C GLN A 241 -4.13 -2.99 -18.40
N LEU A 242 -4.75 -2.06 -19.12
CA LEU A 242 -6.18 -2.13 -19.26
C LEU A 242 -6.58 -3.33 -20.10
N VAL A 243 -5.74 -3.71 -21.08
CA VAL A 243 -6.01 -4.93 -21.84
C VAL A 243 -6.01 -6.13 -20.93
N GLU A 244 -5.00 -6.20 -20.03
CA GLU A 244 -4.90 -7.29 -19.07
C GLU A 244 -6.10 -7.31 -18.14
N ILE A 245 -6.51 -6.14 -17.64
CA ILE A 245 -7.72 -6.08 -16.81
C ILE A 245 -8.94 -6.55 -17.61
N ILE A 246 -9.07 -6.11 -18.85
CA ILE A 246 -10.24 -6.47 -19.63
C ILE A 246 -10.22 -7.94 -20.01
N LYS A 247 -9.04 -8.52 -20.24
CA LYS A 247 -9.00 -9.96 -20.53
C LYS A 247 -9.44 -10.81 -19.34
N VAL A 248 -9.47 -10.26 -18.12
CA VAL A 248 -9.99 -10.97 -16.95
C VAL A 248 -11.43 -10.56 -16.64
N LEU A 249 -11.70 -9.26 -16.48
CA LEU A 249 -13.02 -8.85 -16.05
C LEU A 249 -14.03 -8.75 -17.19
N GLY A 250 -13.60 -8.87 -18.43
CA GLY A 250 -14.46 -8.52 -19.57
C GLY A 250 -14.47 -7.03 -19.81
N THR A 251 -14.97 -6.65 -20.97
CA THR A 251 -15.14 -5.23 -21.31
C THR A 251 -16.09 -4.57 -20.30
N PRO A 252 -15.72 -3.43 -19.72
CA PRO A 252 -16.67 -2.74 -18.82
C PRO A 252 -17.91 -2.27 -19.55
N THR A 253 -19.07 -2.34 -18.88
CA THR A 253 -20.29 -1.80 -19.46
C THR A 253 -20.19 -0.29 -19.57
N ARG A 254 -21.13 0.29 -20.31
CA ARG A 254 -21.24 1.74 -20.40
C ARG A 254 -21.40 2.36 -19.01
N GLU A 255 -22.26 1.76 -18.17
CA GLU A 255 -22.48 2.27 -16.82
C GLU A 255 -21.21 2.14 -15.95
N GLN A 256 -20.42 1.09 -16.14
CA GLN A 256 -19.18 0.95 -15.36
C GLN A 256 -18.13 1.95 -15.84
N ILE A 257 -18.07 2.20 -17.16
CA ILE A 257 -17.20 3.25 -17.68
C ILE A 257 -17.61 4.60 -17.12
N ARG A 258 -18.91 4.89 -17.04
CA ARG A 258 -19.36 6.17 -16.48
C ARG A 258 -18.92 6.34 -15.03
N GLU A 259 -18.94 5.25 -14.25
CA GLU A 259 -18.51 5.30 -12.85
C GLU A 259 -17.00 5.57 -12.73
N MET A 260 -16.21 5.12 -13.71
CA MET A 260 -14.77 5.35 -13.71
C MET A 260 -14.43 6.73 -14.27
N ASN A 261 -14.76 6.99 -15.54
CA ASN A 261 -14.55 8.32 -16.14
C ASN A 261 -15.61 8.54 -17.21
N PRO A 262 -16.55 9.47 -16.98
CA PRO A 262 -17.60 9.73 -18.00
C PRO A 262 -17.08 10.17 -19.35
N ASN A 263 -15.82 10.59 -19.50
CA ASN A 263 -15.39 11.03 -20.83
C ASN A 263 -15.22 9.89 -21.82
N TYR A 264 -15.30 8.64 -21.39
CA TYR A 264 -15.13 7.49 -22.26
C TYR A 264 -16.43 6.78 -22.61
N THR A 265 -17.59 7.33 -22.23
CA THR A 265 -18.83 6.55 -22.36
C THR A 265 -19.31 6.42 -23.81
N GLU A 266 -18.90 7.27 -24.73
CA GLU A 266 -19.44 7.21 -26.07
C GLU A 266 -18.58 6.40 -27.05
N PHE A 267 -17.41 5.91 -26.62
CA PHE A 267 -16.64 5.07 -27.51
C PHE A 267 -17.16 3.64 -27.55
N LYS A 268 -16.99 2.99 -28.70
CA LYS A 268 -17.47 1.63 -28.96
C LYS A 268 -16.32 0.66 -28.72
N PHE A 269 -16.14 0.25 -27.49
CA PHE A 269 -15.09 -0.72 -27.24
C PHE A 269 -15.57 -2.10 -27.64
N PRO A 270 -14.71 -2.92 -28.24
CA PRO A 270 -15.07 -4.31 -28.50
C PRO A 270 -15.43 -5.04 -27.21
N GLN A 271 -16.40 -5.95 -27.30
CA GLN A 271 -16.94 -6.66 -26.14
C GLN A 271 -16.17 -7.96 -25.97
N ILE A 272 -15.33 -8.03 -24.95
CA ILE A 272 -14.55 -9.23 -24.65
C ILE A 272 -15.22 -9.96 -23.50
N LYS A 273 -15.43 -11.27 -23.67
CA LYS A 273 -16.00 -12.07 -22.60
C LYS A 273 -15.03 -12.16 -21.42
N ALA A 274 -15.59 -12.14 -20.22
CA ALA A 274 -14.81 -12.28 -19.01
C ALA A 274 -14.25 -13.70 -18.88
N HIS A 275 -13.05 -13.78 -18.31
CA HIS A 275 -12.47 -15.06 -17.93
C HIS A 275 -12.89 -15.38 -16.50
N PRO A 276 -13.54 -16.53 -16.26
CA PRO A 276 -13.98 -16.87 -14.89
C PRO A 276 -12.82 -16.91 -13.89
N TRP A 277 -13.07 -16.40 -12.68
CA TRP A 277 -12.02 -16.32 -11.67
C TRP A 277 -11.45 -17.69 -11.34
N THR A 278 -12.26 -18.74 -11.39
CA THR A 278 -11.76 -20.07 -11.06
C THR A 278 -10.72 -20.56 -12.06
N LYS A 279 -10.70 -20.02 -13.28
CA LYS A 279 -9.67 -20.37 -14.25
C LYS A 279 -8.48 -19.43 -14.21
N VAL A 280 -8.63 -18.22 -13.67
CA VAL A 280 -7.49 -17.32 -13.51
C VAL A 280 -6.46 -17.94 -12.58
N PHE A 281 -6.92 -18.47 -11.45
CA PHE A 281 -6.04 -18.99 -10.41
C PHE A 281 -5.79 -20.48 -10.63
N ARG A 282 -4.85 -21.02 -9.84
CA ARG A 282 -4.49 -22.42 -9.92
C ARG A 282 -5.65 -23.27 -9.44
N PRO A 283 -5.70 -24.53 -9.86
CA PRO A 283 -6.86 -25.38 -9.52
C PRO A 283 -7.03 -25.65 -8.03
N ARG A 284 -5.99 -25.47 -7.20
CA ARG A 284 -6.09 -25.75 -5.77
C ARG A 284 -6.41 -24.51 -4.94
N THR A 285 -6.62 -23.36 -5.57
CA THR A 285 -6.82 -22.10 -4.86
C THR A 285 -8.11 -22.13 -4.04
N PRO A 286 -8.09 -21.65 -2.79
CA PRO A 286 -9.29 -21.71 -1.93
C PRO A 286 -10.42 -20.87 -2.52
N PRO A 287 -11.63 -21.40 -2.53
CA PRO A 287 -12.76 -20.67 -3.13
C PRO A 287 -13.04 -19.36 -2.43
N GLU A 288 -12.76 -19.30 -1.13
CA GLU A 288 -12.99 -18.07 -0.39
C GLU A 288 -12.03 -16.96 -0.81
N ALA A 289 -10.78 -17.30 -1.14
CA ALA A 289 -9.87 -16.27 -1.65
C ALA A 289 -10.34 -15.74 -3.00
N ILE A 290 -10.90 -16.60 -3.83
CA ILE A 290 -11.38 -16.18 -5.14
C ILE A 290 -12.58 -15.25 -4.98
N ALA A 291 -13.52 -15.60 -4.10
CA ALA A 291 -14.66 -14.75 -3.85
C ALA A 291 -14.24 -13.40 -3.32
N LEU A 292 -13.24 -13.38 -2.43
CA LEU A 292 -12.74 -12.11 -1.91
C LEU A 292 -12.11 -11.29 -3.03
N CYS A 293 -11.27 -11.91 -3.84
CA CYS A 293 -10.62 -11.22 -4.93
C CYS A 293 -11.64 -10.66 -5.93
N SER A 294 -12.71 -11.40 -6.20
CA SER A 294 -13.68 -10.87 -7.15
C SER A 294 -14.51 -9.72 -6.57
N ARG A 295 -14.60 -9.57 -5.25
CA ARG A 295 -15.30 -8.41 -4.69
C ARG A 295 -14.38 -7.21 -4.46
N LEU A 296 -13.09 -7.35 -4.76
CA LEU A 296 -12.12 -6.28 -4.63
C LEU A 296 -11.79 -5.69 -5.99
N LEU A 297 -11.56 -6.57 -6.96
CA LEU A 297 -11.22 -6.18 -8.34
C LEU A 297 -12.52 -5.99 -9.15
N GLU A 298 -13.22 -4.89 -8.84
CA GLU A 298 -14.48 -4.50 -9.46
C GLU A 298 -14.29 -3.20 -10.23
N TYR A 299 -14.90 -3.12 -11.42
CA TYR A 299 -14.81 -1.89 -12.23
C TYR A 299 -15.42 -0.71 -11.49
N THR A 300 -16.66 -0.84 -11.03
CA THR A 300 -17.33 0.28 -10.35
C THR A 300 -16.71 0.49 -8.98
N PRO A 301 -16.13 1.67 -8.70
CA PRO A 301 -15.43 1.86 -7.42
C PRO A 301 -16.33 1.73 -6.19
N THR A 302 -17.59 2.16 -6.27
CA THR A 302 -18.49 2.00 -5.11
C THR A 302 -18.92 0.57 -4.87
N ALA A 303 -18.66 -0.36 -5.81
CA ALA A 303 -19.01 -1.76 -5.61
C ALA A 303 -17.89 -2.56 -4.95
N ARG A 304 -16.68 -2.00 -4.82
CA ARG A 304 -15.62 -2.70 -4.10
C ARG A 304 -15.93 -2.73 -2.60
N LEU A 305 -15.54 -3.82 -1.96
CA LEU A 305 -15.56 -3.88 -0.49
C LEU A 305 -14.81 -2.70 0.11
N THR A 306 -15.36 -2.14 1.17
CA THR A 306 -14.55 -1.31 2.02
C THR A 306 -13.54 -2.18 2.76
N PRO A 307 -12.46 -1.57 3.26
CA PRO A 307 -11.43 -2.37 3.95
C PRO A 307 -11.95 -3.10 5.20
N LEU A 308 -12.82 -2.45 5.98
CA LEU A 308 -13.40 -3.13 7.13
C LEU A 308 -14.25 -4.31 6.72
N GLU A 309 -15.05 -4.15 5.66
CA GLU A 309 -15.86 -5.25 5.18
C GLU A 309 -14.98 -6.40 4.70
N ALA A 310 -13.84 -6.08 4.10
CA ALA A 310 -12.90 -7.11 3.66
C ALA A 310 -12.39 -7.93 4.85
N CYS A 311 -12.09 -7.29 5.99
CA CYS A 311 -11.63 -8.01 7.18
C CYS A 311 -12.67 -8.99 7.69
N ALA A 312 -13.95 -8.69 7.48
CA ALA A 312 -15.04 -9.55 7.95
C ALA A 312 -15.30 -10.71 7.01
N HIS A 313 -14.59 -10.76 5.88
CA HIS A 313 -14.84 -11.76 4.85
C HIS A 313 -14.54 -13.16 5.36
N SER A 314 -15.24 -14.14 4.78
CA SER A 314 -15.10 -15.52 5.23
C SER A 314 -13.70 -16.09 4.96
N PHE A 315 -12.95 -15.50 4.02
CA PHE A 315 -11.57 -15.92 3.77
C PHE A 315 -10.71 -15.82 5.02
N PHE A 316 -10.98 -14.83 5.88
CA PHE A 316 -10.23 -14.64 7.12
C PHE A 316 -10.82 -15.39 8.30
N ASP A 317 -11.73 -16.34 8.05
CA ASP A 317 -12.39 -17.05 9.16
C ASP A 317 -11.39 -17.87 9.97
N GLU A 318 -10.38 -18.45 9.29
CA GLU A 318 -9.39 -19.25 10.00
C GLU A 318 -8.60 -18.41 11.00
N LEU A 319 -8.43 -17.11 10.75
CA LEU A 319 -7.71 -16.26 11.69
C LEU A 319 -8.49 -16.02 12.98
N ARG A 320 -9.81 -16.23 12.97
CA ARG A 320 -10.66 -15.99 14.11
C ARG A 320 -10.88 -17.25 14.95
N ASP A 321 -10.23 -18.33 14.56
CA ASP A 321 -10.17 -19.53 15.38
C ASP A 321 -9.30 -19.29 16.61
N PRO A 322 -9.73 -19.72 17.81
CA PRO A 322 -8.85 -19.62 18.99
C PRO A 322 -7.60 -20.49 18.88
N ASN A 323 -7.69 -21.62 18.17
CA ASN A 323 -6.64 -22.63 18.11
C ASN A 323 -5.64 -22.40 16.97
N VAL A 324 -5.81 -21.35 16.18
CA VAL A 324 -4.91 -21.06 15.07
C VAL A 324 -3.51 -20.71 15.60
N LYS A 325 -2.49 -21.29 14.97
CA LYS A 325 -1.09 -21.04 15.29
C LYS A 325 -0.30 -20.82 14.02
N LEU A 326 0.79 -20.05 14.11
CA LEU A 326 1.70 -19.89 12.98
C LEU A 326 2.52 -21.16 12.75
N PRO A 327 3.04 -21.34 11.53
CA PRO A 327 3.87 -22.53 11.24
C PRO A 327 5.12 -22.66 12.09
N ASN A 328 5.65 -21.57 12.63
CA ASN A 328 6.84 -21.67 13.47
C ASN A 328 6.52 -21.94 14.94
N GLY A 329 5.25 -22.05 15.31
CA GLY A 329 4.84 -22.42 16.65
C GLY A 329 4.35 -21.27 17.50
N ARG A 330 4.83 -20.05 17.25
CA ARG A 330 4.35 -18.86 17.92
C ARG A 330 2.86 -18.62 17.62
N ASP A 331 2.21 -17.85 18.50
CA ASP A 331 0.82 -17.51 18.30
C ASP A 331 0.71 -16.33 17.34
N THR A 332 -0.51 -16.11 16.85
CA THR A 332 -0.68 -15.07 15.84
C THR A 332 -0.50 -13.70 16.49
N PRO A 333 -0.17 -12.69 15.69
CA PRO A 333 -0.13 -11.32 16.19
C PRO A 333 -1.49 -10.87 16.69
N ALA A 334 -1.52 -9.68 17.29
CA ALA A 334 -2.79 -9.14 17.72
C ALA A 334 -3.63 -8.79 16.49
N LEU A 335 -4.83 -9.37 16.41
CA LEU A 335 -5.70 -9.21 15.26
C LEU A 335 -7.05 -8.62 15.60
N PHE A 336 -7.41 -8.54 16.87
CA PHE A 336 -8.80 -8.24 17.22
C PHE A 336 -8.96 -7.00 18.08
N ASN A 337 -7.90 -6.23 18.32
CA ASN A 337 -7.98 -5.06 19.19
C ASN A 337 -8.34 -3.82 18.36
N PHE A 338 -9.57 -3.84 17.85
CA PHE A 338 -10.14 -2.76 17.03
C PHE A 338 -10.57 -1.59 17.91
N THR A 339 -10.18 -0.37 17.54
CA THR A 339 -10.70 0.78 18.28
C THR A 339 -12.02 1.26 17.70
N THR A 340 -12.66 2.18 18.43
CA THR A 340 -13.87 2.84 17.93
C THR A 340 -13.59 3.61 16.65
N GLN A 341 -12.37 4.10 16.48
CA GLN A 341 -12.00 4.85 15.29
C GLN A 341 -12.04 3.97 14.04
N GLU A 342 -11.36 2.81 14.07
CA GLU A 342 -11.30 1.96 12.88
C GLU A 342 -12.56 1.14 12.68
N LEU A 343 -13.46 1.10 13.66
CA LEU A 343 -14.77 0.51 13.48
C LEU A 343 -15.82 1.52 12.99
N SER A 344 -15.49 2.81 12.92
CA SER A 344 -16.48 3.85 12.65
C SER A 344 -17.15 3.71 11.28
N SER A 345 -16.49 3.06 10.32
CA SER A 345 -17.07 2.79 9.00
C SER A 345 -18.41 2.07 9.12
N ASN A 346 -18.50 1.08 10.02
CA ASN A 346 -19.65 0.20 10.15
C ASN A 346 -19.59 -0.54 11.48
N PRO A 347 -19.99 0.10 12.58
CA PRO A 347 -19.76 -0.45 13.94
C PRO A 347 -20.35 -1.84 14.16
N PRO A 348 -21.50 -2.20 13.55
CA PRO A 348 -22.02 -3.56 13.76
C PRO A 348 -21.14 -4.71 13.26
N LEU A 349 -20.07 -4.46 12.49
CA LEU A 349 -19.17 -5.54 12.10
C LEU A 349 -18.28 -6.04 13.25
N ALA A 350 -18.34 -5.40 14.42
CA ALA A 350 -17.68 -5.92 15.61
C ALA A 350 -18.23 -7.29 16.01
N THR A 351 -19.51 -7.56 15.68
CA THR A 351 -20.09 -8.88 15.92
C THR A 351 -19.30 -9.97 15.20
N ILE A 352 -18.80 -9.67 14.01
CA ILE A 352 -17.97 -10.62 13.29
C ILE A 352 -16.49 -10.43 13.63
N LEU A 353 -16.00 -9.19 13.62
CA LEU A 353 -14.57 -8.96 13.63
C LEU A 353 -13.93 -9.33 14.98
N ILE A 354 -14.59 -9.05 16.10
CA ILE A 354 -14.07 -9.54 17.38
C ILE A 354 -14.77 -10.86 17.75
N PRO A 355 -14.13 -12.00 17.53
CA PRO A 355 -14.77 -13.27 17.87
C PRO A 355 -14.89 -13.41 19.38
N PRO A 356 -15.76 -14.31 19.86
CA PRO A 356 -16.10 -14.34 21.29
C PRO A 356 -14.92 -14.62 22.22
N HIS A 357 -13.89 -15.31 21.75
CA HIS A 357 -12.76 -15.63 22.63
C HIS A 357 -11.78 -14.48 22.80
N ALA A 358 -11.96 -13.36 22.08
CA ALA A 358 -11.02 -12.25 22.16
C ALA A 358 -11.59 -11.04 22.88
N ARG A 359 -12.82 -11.11 23.39
CA ARG A 359 -13.38 -10.06 24.24
C ARG A 359 -12.89 -10.30 25.67
N HIS A 360 -11.64 -9.94 25.90
CA HIS A 360 -11.02 -10.05 27.23
C HIS A 360 -10.12 -8.85 27.48
N LEU B 4 -1.99 14.17 -18.44
CA LEU B 4 -3.10 13.35 -18.94
C LEU B 4 -2.91 12.91 -20.39
N VAL B 5 -3.98 12.32 -20.95
CA VAL B 5 -4.02 11.82 -22.33
C VAL B 5 -5.36 12.18 -22.95
N GLU B 6 -5.37 12.50 -24.25
CA GLU B 6 -6.63 12.83 -24.92
C GLU B 6 -7.52 11.58 -24.97
N PRO B 7 -8.79 11.68 -24.55
CA PRO B 7 -9.64 10.48 -24.53
C PRO B 7 -9.84 9.86 -25.91
N GLN B 8 -9.92 10.67 -26.96
CA GLN B 8 -10.00 10.12 -28.32
C GLN B 8 -8.79 9.24 -28.64
N LYS B 9 -7.57 9.71 -28.38
CA LYS B 9 -6.39 8.96 -28.80
C LYS B 9 -6.20 7.69 -27.95
N PHE B 10 -6.44 7.80 -26.64
CA PHE B 10 -6.35 6.63 -25.76
C PHE B 10 -7.37 5.56 -26.16
N ALA B 11 -8.62 5.96 -26.41
CA ALA B 11 -9.64 4.98 -26.77
C ALA B 11 -9.36 4.33 -28.13
N GLU B 12 -8.82 5.09 -29.09
CA GLU B 12 -8.46 4.52 -30.39
C GLU B 12 -7.41 3.43 -30.22
N GLU B 13 -6.42 3.68 -29.37
CA GLU B 13 -5.38 2.69 -29.14
C GLU B 13 -5.96 1.46 -28.45
N LEU B 14 -6.80 1.67 -27.44
CA LEU B 14 -7.40 0.58 -26.70
C LEU B 14 -8.30 -0.26 -27.60
N ILE B 15 -9.09 0.41 -28.46
CA ILE B 15 -9.96 -0.27 -29.41
C ILE B 15 -9.15 -1.13 -30.37
N HIS B 16 -8.05 -0.58 -30.88
CA HIS B 16 -7.17 -1.34 -31.78
C HIS B 16 -6.59 -2.57 -31.06
N ARG B 17 -6.17 -2.41 -29.81
CA ARG B 17 -5.66 -3.54 -29.03
C ARG B 17 -6.75 -4.57 -28.74
N LEU B 18 -7.94 -4.10 -28.36
CA LEU B 18 -9.02 -5.02 -28.03
C LEU B 18 -9.52 -5.79 -29.25
N GLU B 19 -9.45 -5.20 -30.46
CA GLU B 19 -9.83 -5.94 -31.66
C GLU B 19 -8.88 -7.11 -31.93
N ALA B 20 -7.60 -6.97 -31.57
CA ALA B 20 -6.64 -8.02 -31.88
C ALA B 20 -6.76 -9.22 -30.94
N VAL B 21 -7.13 -9.01 -29.66
CA VAL B 21 -7.27 -10.14 -28.73
C VAL B 21 -8.69 -10.68 -28.68
N GLN B 22 -9.61 -10.07 -29.40
CA GLN B 22 -11.02 -10.48 -29.32
C GLN B 22 -11.17 -11.87 -29.93
N ARG B 23 -11.61 -12.82 -29.12
CA ARG B 23 -11.75 -14.21 -29.54
C ARG B 23 -12.98 -14.42 -30.43
N THR C 9 3.93 7.74 -11.19
CA THR C 9 3.69 7.91 -9.76
C THR C 9 4.48 9.07 -9.13
N ALA C 10 3.79 10.17 -8.83
CA ALA C 10 4.34 11.30 -8.08
C ALA C 10 3.18 12.17 -7.62
N PRO C 11 3.36 12.97 -6.53
CA PRO C 11 2.26 13.78 -5.98
C PRO C 11 1.91 15.04 -6.82
N SEP C 12 0.89 15.81 -6.41
CA SEP C 12 0.39 16.96 -7.20
CB SEP C 12 -1.01 17.37 -6.73
OG SEP C 12 -1.96 16.37 -6.97
C SEP C 12 1.25 18.21 -7.16
O SEP C 12 1.93 18.49 -6.17
P SEP C 12 -2.59 15.93 -5.56
O1P SEP C 12 -3.84 14.97 -5.83
O2P SEP C 12 -1.43 15.19 -4.72
O3P SEP C 12 -3.02 17.26 -4.76
N LEU C 13 1.18 18.97 -8.24
CA LEU C 13 1.80 20.29 -8.30
C LEU C 13 1.22 21.19 -7.20
N SER C 14 2.05 22.06 -6.63
CA SER C 14 1.66 22.91 -5.52
C SER C 14 0.57 23.93 -5.90
PB ADP D . 9.84 5.41 -1.44
O1B ADP D . 9.31 4.13 -2.03
O2B ADP D . 11.08 5.98 -2.10
O3B ADP D . 8.76 6.46 -1.26
PA ADP D . 9.69 3.97 1.10
O1A ADP D . 8.74 3.02 0.39
O2A ADP D . 9.23 4.65 2.37
O3A ADP D . 10.29 5.08 0.08
O5' ADP D . 11.02 3.12 1.38
C5' ADP D . 11.69 2.53 0.29
C4' ADP D . 12.09 1.10 0.67
O4' ADP D . 12.98 1.18 1.80
C3' ADP D . 10.92 0.24 1.11
O3' ADP D . 10.26 -0.51 0.06
C2' ADP D . 11.55 -0.67 2.15
O2' ADP D . 12.05 -1.86 1.55
C1' ADP D . 12.69 0.16 2.77
N9 ADP D . 12.08 0.67 4.02
C8 ADP D . 11.18 1.68 4.15
N7 ADP D . 10.77 1.87 5.43
C5 ADP D . 11.41 0.94 6.15
C6 ADP D . 11.45 0.57 7.58
N6 ADP D . 10.70 1.24 8.48
N1 ADP D . 12.23 -0.47 7.91
C2 ADP D . 12.98 -1.11 7.02
N3 ADP D . 13.02 -0.85 5.71
C4 ADP D . 12.25 0.15 5.22
MG MG E . 8.12 2.19 -1.60
MG MG F . 6.71 6.68 -2.29
C1 GOL G . 22.04 9.71 8.63
O1 GOL G . 23.37 9.38 9.03
C2 GOL G . 22.10 11.17 8.18
O2 GOL G . 22.81 11.32 6.98
C3 GOL G . 20.63 11.64 8.04
O3 GOL G . 20.69 12.97 7.58
H11 GOL G . 21.72 9.15 7.90
H12 GOL G . 21.40 9.60 9.35
HO1 GOL G . 23.31 8.67 9.49
H2 GOL G . 22.57 11.70 8.85
HO2 GOL G . 22.28 11.15 6.33
H31 GOL G . 20.16 11.04 7.45
H32 GOL G . 20.19 11.55 8.91
HO3 GOL G . 21.02 12.93 6.79
C1 GOL H . -1.87 -0.18 18.26
O1 GOL H . -2.00 1.10 18.85
C2 GOL H . -3.26 -0.90 17.97
O2 GOL H . -4.18 -0.85 19.04
C3 GOL H . -3.90 -0.29 16.66
O3 GOL H . -5.36 -0.25 16.81
H11 GOL H . -1.40 -0.13 17.41
H12 GOL H . -1.34 -0.78 18.82
HO1 GOL H . -2.25 1.62 18.23
H2 GOL H . -3.03 -1.84 17.84
HO2 GOL H . -4.92 -0.53 18.74
H31 GOL H . -3.50 0.59 16.52
H32 GOL H . -3.61 -0.83 15.91
HO3 GOL H . -5.68 -0.98 16.52
C1 GOL I . -19.79 -2.53 -1.64
O1 GOL I . -20.95 -3.32 -1.90
C2 GOL I . -20.17 -1.38 -0.65
O2 GOL I . -20.37 -1.85 0.69
C3 GOL I . -19.00 -0.34 -0.67
O3 GOL I . -19.51 0.97 -0.36
H11 GOL I . -19.07 -3.04 -1.24
H12 GOL I . -19.42 -2.13 -2.44
HO1 GOL I . -21.20 -3.64 -1.14
H2 GOL I . -21.00 -0.98 -0.94
HO2 GOL I . -19.63 -2.21 0.95
H31 GOL I . -18.32 -0.63 -0.05
H32 GOL I . -18.58 -0.38 -1.55
HO3 GOL I . -20.19 0.84 0.13
C1 GOL J . -0.26 20.54 20.66
O1 GOL J . -0.38 21.36 21.82
C2 GOL J . -1.64 19.89 20.27
O2 GOL J . -1.45 18.79 19.37
C3 GOL J . -2.34 19.52 21.61
O3 GOL J . -3.47 18.74 21.27
H11 GOL J . 0.39 19.84 20.79
H12 GOL J . 0.05 21.06 19.90
HO1 GOL J . 0.03 20.94 22.45
H2 GOL J . -2.20 20.53 19.80
HO2 GOL J . -0.94 18.22 19.75
H31 GOL J . -2.55 20.32 22.09
H32 GOL J . -1.70 19.04 22.17
HO3 GOL J . -3.24 18.28 20.60
C1 GOL K . -17.45 -5.97 -30.51
O1 GOL K . -18.45 -5.86 -29.51
C2 GOL K . -17.62 -4.83 -31.60
O2 GOL K . -16.53 -4.86 -32.55
C3 GOL K . -17.70 -3.43 -30.90
O3 GOL K . -16.91 -2.48 -31.64
H11 GOL K . -17.49 -6.82 -30.97
H12 GOL K . -16.57 -5.90 -30.14
HO1 GOL K . -18.16 -5.31 -28.95
H2 GOL K . -18.46 -4.99 -32.06
HO2 GOL K . -15.80 -4.92 -32.09
H31 GOL K . -17.40 -3.54 -29.98
H32 GOL K . -18.63 -3.18 -30.83
HO3 GOL K . -16.11 -2.55 -31.33
C1 GOL L . 7.00 -11.80 -9.08
O1 GOL L . 7.48 -12.87 -9.91
C2 GOL L . 6.36 -12.48 -7.82
O2 GOL L . 7.22 -12.50 -6.68
C3 GOL L . 5.04 -11.69 -7.45
O3 GOL L . 4.43 -12.26 -6.22
H11 GOL L . 6.33 -11.26 -9.52
H12 GOL L . 7.71 -11.20 -8.80
HO1 GOL L . 6.80 -13.37 -10.08
H2 GOL L . 6.18 -13.41 -8.07
HO2 GOL L . 6.87 -11.99 -6.08
H31 GOL L . 4.44 -11.73 -8.22
H32 GOL L . 5.26 -10.75 -7.36
HO3 GOL L . 4.57 -13.10 -6.24
NA NA M . 6.70 -16.55 5.20
#